data_1U92
#
_entry.id   1U92
#
_cell.length_a   58.100
_cell.length_b   65.000
_cell.length_c   175.900
_cell.angle_alpha   90.00
_cell.angle_beta   90.00
_cell.angle_gamma   90.00
#
_symmetry.space_group_name_H-M   'P 21 21 21'
#
loop_
_entity.id
_entity.type
_entity.pdbx_description
1 polymer 'ANTIBODY 2F5 (LIGHT CHAIN)'
2 polymer 'ANTIBODY 2F5 (HEAVY CHAIN)'
3 polymer 'GP41 PEPTIDE ANALOG'
4 water water
#
loop_
_entity_poly.entity_id
_entity_poly.type
_entity_poly.pdbx_seq_one_letter_code
_entity_poly.pdbx_strand_id
1 'polypeptide(L)'
;ALQLTQSPSSLSASVGDRITITCRASQGVTSALAWYRQKPGSPPQLLIYDASSLESGVPSRFSGSGSGTEFTLTISTLRP
EDFATYYCQQLHFYPHTFGGGTRVDVRRTVAAPSVFIFPPSDEQLKSGTASVVCLLNNFYPREAKVQWKVDNALQSGNSQ
ESVTEQDSKDSTYSLSSTLTLSKADYEKHKVYECEVTHQGLSSPVTKSFNRGEC
;
A
2 'polypeptide(L)'
;RITLKESGPPLVKPTQTLTLTCSFSGFSLSDFGVGVGWIRQPPGKALEWLAIIYSDDDKRYSPSLNTRLTITKDTSKNQV
VLVMTRVSPVDTATYFCAHRRGPTTLFGVPIARGPVNAMDVWGQGITVTISSTSTKGPSVFPLAPSSKSTAGGAAALGCL
VKDYFPEPVTVSWNSGALTSGVHTFPAVLQSSGLYSLSSVVTVPSSSLGTQTYTCNVNHKPSNTKVDKRVEPKS
;
B
3 'polypeptide(L)' EADKWQS C
#
# COMPACT_ATOMS: atom_id res chain seq x y z
N ALA A 1 -7.79 -18.45 12.26
CA ALA A 1 -9.14 -18.31 11.60
C ALA A 1 -9.19 -18.72 10.13
N LEU A 2 -10.35 -18.44 9.54
CA LEU A 2 -10.67 -18.71 8.15
C LEU A 2 -9.68 -18.01 7.23
N GLN A 3 -9.21 -18.72 6.23
CA GLN A 3 -8.25 -18.17 5.30
C GLN A 3 -8.85 -18.07 3.90
N LEU A 4 -8.60 -16.85 3.28
CA LEU A 4 -9.07 -16.54 1.93
C LEU A 4 -7.85 -16.29 1.08
N THR A 5 -7.60 -17.17 0.13
CA THR A 5 -6.42 -17.05 -0.71
C THR A 5 -6.77 -16.61 -2.13
N GLN A 6 -6.27 -15.47 -2.61
CA GLN A 6 -6.59 -15.04 -4.00
C GLN A 6 -5.55 -15.54 -4.96
N SER A 7 -5.93 -15.81 -6.21
CA SER A 7 -4.95 -16.20 -7.22
C SER A 7 -5.36 -15.56 -8.51
N PRO A 8 -4.37 -15.01 -9.29
CA PRO A 8 -2.97 -15.01 -8.89
C PRO A 8 -2.83 -13.78 -8.04
N SER A 9 -1.69 -13.63 -7.35
CA SER A 9 -1.53 -12.43 -6.57
C SER A 9 -1.33 -11.22 -7.50
N SER A 10 -0.73 -11.43 -8.66
CA SER A 10 -0.47 -10.37 -9.62
C SER A 10 -0.80 -10.90 -11.01
N LEU A 11 -1.22 -10.05 -11.93
CA LEU A 11 -1.62 -10.55 -13.24
C LEU A 11 -1.43 -9.47 -14.24
N SER A 12 -0.85 -9.78 -15.39
CA SER A 12 -0.67 -8.74 -16.43
C SER A 12 -1.69 -8.95 -17.55
N ALA A 13 -2.14 -7.87 -18.17
CA ALA A 13 -3.16 -8.00 -19.19
C ALA A 13 -3.22 -6.76 -20.05
N SER A 14 -3.98 -6.84 -21.14
CA SER A 14 -4.11 -5.67 -21.99
C SER A 14 -5.58 -5.33 -22.16
N VAL A 15 -5.86 -4.10 -22.55
CA VAL A 15 -7.22 -3.64 -22.78
C VAL A 15 -7.87 -4.64 -23.77
N GLY A 16 -9.09 -5.06 -23.47
CA GLY A 16 -9.77 -6.02 -24.30
C GLY A 16 -9.59 -7.43 -23.81
N ASP A 17 -8.64 -7.72 -22.93
CA ASP A 17 -8.56 -9.12 -22.51
C ASP A 17 -9.71 -9.55 -21.57
N ARG A 18 -9.81 -10.86 -21.38
CA ARG A 18 -10.76 -11.45 -20.47
C ARG A 18 -9.90 -11.96 -19.36
N ILE A 19 -10.15 -11.56 -18.13
CA ILE A 19 -9.34 -12.09 -17.05
C ILE A 19 -10.22 -12.70 -16.00
N THR A 20 -9.68 -13.61 -15.21
CA THR A 20 -10.49 -14.16 -14.20
C THR A 20 -9.58 -14.29 -13.02
N ILE A 21 -10.09 -13.88 -11.86
CA ILE A 21 -9.36 -13.87 -10.60
C ILE A 21 -10.10 -14.88 -9.74
N THR A 22 -9.39 -15.67 -8.97
CA THR A 22 -10.11 -16.64 -8.16
C THR A 22 -9.81 -16.47 -6.66
N CYS A 23 -10.74 -16.89 -5.80
CA CYS A 23 -10.57 -16.74 -4.36
C CYS A 23 -11.05 -18.03 -3.71
N ARG A 24 -10.22 -18.64 -2.89
CA ARG A 24 -10.54 -19.91 -2.25
C ARG A 24 -10.56 -19.75 -0.75
N ALA A 25 -11.58 -20.31 -0.11
CA ALA A 25 -11.69 -20.20 1.34
C ALA A 25 -11.31 -21.51 2.02
N SER A 26 -10.73 -21.42 3.22
CA SER A 26 -10.32 -22.63 3.94
C SER A 26 -11.47 -23.48 4.47
N GLN A 27 -12.64 -22.88 4.66
CA GLN A 27 -13.87 -23.56 5.11
C GLN A 27 -14.96 -22.91 4.25
N GLY A 28 -16.09 -23.60 4.05
CA GLY A 28 -17.16 -23.06 3.22
C GLY A 28 -17.79 -21.79 3.76
N VAL A 29 -18.00 -20.81 2.90
CA VAL A 29 -18.61 -19.54 3.29
C VAL A 29 -19.95 -19.35 2.57
N THR A 30 -20.54 -20.45 2.11
CA THR A 30 -21.81 -20.41 1.38
C THR A 30 -21.70 -19.40 0.26
N SER A 31 -22.66 -18.49 0.09
CA SER A 31 -22.56 -17.50 -0.98
C SER A 31 -22.17 -16.10 -0.45
N ALA A 32 -21.75 -16.04 0.82
CA ALA A 32 -21.45 -14.74 1.45
C ALA A 32 -20.05 -14.23 1.09
N LEU A 33 -19.92 -13.77 -0.14
CA LEU A 33 -18.64 -13.33 -0.62
C LEU A 33 -18.81 -12.16 -1.52
N ALA A 34 -17.93 -11.18 -1.39
CA ALA A 34 -18.06 -9.99 -2.20
C ALA A 34 -16.77 -9.68 -2.93
N TRP A 35 -16.85 -9.07 -4.12
CA TRP A 35 -15.65 -8.66 -4.85
C TRP A 35 -15.60 -7.17 -4.94
N TYR A 36 -14.39 -6.62 -4.86
CA TYR A 36 -14.17 -5.17 -4.96
C TYR A 36 -13.01 -4.85 -5.88
N ARG A 37 -13.07 -3.67 -6.44
CA ARG A 37 -11.99 -3.19 -7.29
C ARG A 37 -11.49 -1.92 -6.57
N GLN A 38 -10.19 -1.77 -6.43
CA GLN A 38 -9.67 -0.57 -5.78
C GLN A 38 -8.61 0.05 -6.66
N LYS A 39 -8.84 1.27 -7.05
CA LYS A 39 -7.89 1.98 -7.88
C LYS A 39 -6.95 2.72 -6.96
N PRO A 40 -5.72 2.95 -7.40
CA PRO A 40 -4.78 3.67 -6.54
C PRO A 40 -5.38 4.97 -5.98
N GLY A 41 -5.08 5.26 -4.71
CA GLY A 41 -5.59 6.45 -4.07
C GLY A 41 -7.08 6.53 -3.74
N SER A 42 -7.85 5.49 -4.09
CA SER A 42 -9.28 5.50 -3.82
C SER A 42 -9.72 4.35 -2.91
N PRO A 43 -10.95 4.44 -2.38
CA PRO A 43 -11.45 3.35 -1.51
C PRO A 43 -11.87 2.16 -2.40
N PRO A 44 -12.00 0.99 -1.81
CA PRO A 44 -12.43 -0.15 -2.64
C PRO A 44 -13.85 0.13 -3.15
N GLN A 45 -14.23 -0.40 -4.31
CA GLN A 45 -15.60 -0.19 -4.81
C GLN A 45 -16.21 -1.57 -5.01
N LEU A 46 -17.42 -1.74 -4.49
CA LEU A 46 -18.18 -2.99 -4.59
C LEU A 46 -18.53 -3.31 -6.05
N LEU A 47 -18.21 -4.50 -6.51
CA LEU A 47 -18.54 -4.94 -7.88
C LEU A 47 -19.65 -5.99 -7.81
N ILE A 48 -19.43 -7.02 -7.01
CA ILE A 48 -20.30 -8.20 -6.91
C ILE A 48 -20.54 -8.52 -5.44
N TYR A 49 -21.80 -8.70 -5.07
CA TYR A 49 -22.19 -9.07 -3.70
C TYR A 49 -22.88 -10.44 -3.71
N ASP A 50 -22.83 -11.14 -2.58
CA ASP A 50 -23.49 -12.44 -2.50
C ASP A 50 -22.99 -13.37 -3.62
N ALA A 51 -21.67 -13.43 -3.81
CA ALA A 51 -20.97 -14.28 -4.83
C ALA A 51 -21.24 -14.03 -6.30
N SER A 52 -22.49 -13.70 -6.64
CA SER A 52 -22.73 -13.51 -8.05
C SER A 52 -23.65 -12.37 -8.43
N SER A 53 -24.22 -11.64 -7.46
CA SER A 53 -25.16 -10.56 -7.84
C SER A 53 -24.39 -9.31 -8.31
N LEU A 54 -24.83 -8.70 -9.41
CA LEU A 54 -24.15 -7.55 -9.93
C LEU A 54 -24.60 -6.34 -9.16
N GLU A 55 -23.68 -5.61 -8.56
CA GLU A 55 -24.04 -4.42 -7.80
C GLU A 55 -24.57 -3.36 -8.75
N SER A 56 -25.57 -2.62 -8.28
CA SER A 56 -26.20 -1.60 -9.08
C SER A 56 -25.24 -0.49 -9.54
N GLY A 57 -25.23 -0.25 -10.86
CA GLY A 57 -24.37 0.78 -11.39
C GLY A 57 -23.02 0.25 -11.79
N VAL A 58 -22.79 -1.05 -11.55
CA VAL A 58 -21.53 -1.65 -11.92
C VAL A 58 -21.65 -2.20 -13.36
N PRO A 59 -20.67 -1.91 -14.21
CA PRO A 59 -20.74 -2.41 -15.61
C PRO A 59 -20.85 -3.91 -15.77
N SER A 60 -21.64 -4.29 -16.77
CA SER A 60 -21.90 -5.69 -17.03
C SER A 60 -20.72 -6.56 -17.40
N ARG A 61 -19.59 -5.99 -17.78
CA ARG A 61 -18.44 -6.86 -18.09
C ARG A 61 -17.94 -7.59 -16.84
N PHE A 62 -18.41 -7.18 -15.66
CA PHE A 62 -17.96 -7.85 -14.43
C PHE A 62 -18.91 -8.95 -14.09
N SER A 63 -18.34 -10.10 -13.75
CA SER A 63 -19.17 -11.20 -13.41
C SER A 63 -18.60 -12.03 -12.28
N GLY A 64 -19.46 -12.51 -11.39
CA GLY A 64 -18.94 -13.37 -10.34
C GLY A 64 -19.71 -14.69 -10.24
N SER A 65 -19.01 -15.79 -10.00
CA SER A 65 -19.63 -17.09 -9.83
C SER A 65 -18.95 -17.91 -8.72
N GLY A 66 -19.55 -19.04 -8.36
CA GLY A 66 -19.03 -19.91 -7.32
C GLY A 66 -19.78 -19.78 -6.00
N SER A 67 -19.56 -20.75 -5.11
CA SER A 67 -20.14 -20.81 -3.75
C SER A 67 -19.32 -21.82 -2.92
N GLY A 68 -19.49 -21.86 -1.59
CA GLY A 68 -18.69 -22.81 -0.82
C GLY A 68 -17.26 -22.37 -0.55
N THR A 69 -16.29 -22.96 -1.25
CA THR A 69 -14.90 -22.61 -1.04
C THR A 69 -14.19 -22.06 -2.25
N GLU A 70 -14.85 -21.98 -3.38
CA GLU A 70 -14.16 -21.48 -4.56
C GLU A 70 -14.98 -20.47 -5.35
N PHE A 71 -14.44 -19.27 -5.56
CA PHE A 71 -15.13 -18.21 -6.24
C PHE A 71 -14.22 -17.60 -7.30
N THR A 72 -14.86 -17.04 -8.31
CA THR A 72 -14.16 -16.41 -9.40
C THR A 72 -14.86 -15.13 -9.84
N LEU A 73 -14.05 -14.15 -10.22
CA LEU A 73 -14.50 -12.86 -10.73
C LEU A 73 -13.95 -12.85 -12.16
N THR A 74 -14.79 -12.55 -13.15
CA THR A 74 -14.18 -12.45 -14.43
C THR A 74 -14.57 -11.13 -15.00
N ILE A 75 -13.65 -10.49 -15.68
CA ILE A 75 -13.95 -9.23 -16.32
C ILE A 75 -13.86 -9.72 -17.76
N SER A 76 -14.93 -9.58 -18.52
CA SER A 76 -14.93 -10.14 -19.86
C SER A 76 -14.11 -9.34 -20.89
N THR A 77 -14.20 -8.01 -20.84
CA THR A 77 -13.44 -7.15 -21.75
C THR A 77 -12.78 -6.05 -20.91
N LEU A 78 -11.52 -6.28 -20.50
CA LEU A 78 -10.78 -5.30 -19.68
C LEU A 78 -10.74 -3.90 -20.24
N ARG A 79 -11.12 -2.91 -19.44
CA ARG A 79 -11.08 -1.50 -19.85
C ARG A 79 -9.91 -0.83 -19.09
N PRO A 80 -9.41 0.35 -19.53
CA PRO A 80 -8.30 1.00 -18.83
C PRO A 80 -8.50 1.22 -17.32
N GLU A 81 -9.71 1.54 -16.91
CA GLU A 81 -9.97 1.73 -15.49
C GLU A 81 -9.88 0.44 -14.67
N ASP A 82 -9.72 -0.72 -15.32
CA ASP A 82 -9.66 -1.97 -14.60
C ASP A 82 -8.27 -2.38 -14.16
N PHE A 83 -7.29 -1.55 -14.51
CA PHE A 83 -5.90 -1.83 -14.12
C PHE A 83 -5.98 -1.37 -12.69
N ALA A 84 -5.91 -2.32 -11.78
CA ALA A 84 -6.13 -1.96 -10.40
C ALA A 84 -5.90 -3.19 -9.58
N THR A 85 -6.23 -3.11 -8.30
CA THR A 85 -6.11 -4.26 -7.40
C THR A 85 -7.53 -4.71 -6.99
N TYR A 86 -7.77 -6.01 -7.06
CA TYR A 86 -9.06 -6.58 -6.74
C TYR A 86 -9.00 -7.35 -5.44
N TYR A 87 -10.06 -7.27 -4.64
CA TYR A 87 -10.10 -8.04 -3.41
C TYR A 87 -11.38 -8.83 -3.24
N CYS A 88 -11.31 -10.00 -2.63
CA CYS A 88 -12.57 -10.71 -2.32
C CYS A 88 -12.71 -10.58 -0.80
N GLN A 89 -13.94 -10.67 -0.28
CA GLN A 89 -14.27 -10.59 1.16
C GLN A 89 -15.34 -11.62 1.52
N GLN A 90 -15.09 -12.32 2.57
CA GLN A 90 -15.97 -13.35 3.07
C GLN A 90 -16.80 -12.68 4.20
N LEU A 91 -18.12 -12.93 4.27
CA LEU A 91 -18.99 -12.38 5.31
C LEU A 91 -19.88 -13.44 6.02
N HIS A 92 -19.45 -14.67 5.96
CA HIS A 92 -20.16 -15.80 6.59
C HIS A 92 -19.75 -16.01 8.04
N PHE A 93 -18.45 -15.79 8.32
CA PHE A 93 -17.86 -15.98 9.65
C PHE A 93 -17.16 -14.73 10.12
N TYR A 94 -17.18 -14.45 11.43
CA TYR A 94 -16.46 -13.31 11.97
C TYR A 94 -15.10 -13.89 12.33
N PRO A 95 -14.04 -13.14 12.06
CA PRO A 95 -14.06 -11.82 11.45
C PRO A 95 -14.30 -11.97 9.94
N HIS A 96 -14.89 -10.94 9.33
CA HIS A 96 -15.21 -10.84 7.91
C HIS A 96 -13.98 -10.64 7.00
N THR A 97 -13.13 -11.63 6.89
CA THR A 97 -11.88 -11.61 6.09
C THR A 97 -11.82 -11.12 4.66
N PHE A 98 -10.67 -10.56 4.32
CA PHE A 98 -10.39 -10.11 2.99
C PHE A 98 -9.29 -10.97 2.44
N GLY A 99 -9.30 -11.20 1.13
CA GLY A 99 -8.19 -11.93 0.52
C GLY A 99 -6.97 -10.99 0.39
N GLY A 100 -5.84 -11.52 -0.06
CA GLY A 100 -4.59 -10.74 -0.15
C GLY A 100 -4.59 -9.78 -1.28
N GLY A 101 -5.56 -9.87 -2.16
CA GLY A 101 -5.58 -8.93 -3.28
C GLY A 101 -4.88 -9.44 -4.56
N THR A 102 -5.34 -9.02 -5.73
CA THR A 102 -4.62 -9.37 -6.93
C THR A 102 -4.51 -8.11 -7.74
N ARG A 103 -3.26 -7.76 -8.07
CA ARG A 103 -2.90 -6.56 -8.82
C ARG A 103 -3.01 -6.84 -10.32
N VAL A 104 -3.72 -6.01 -11.06
CA VAL A 104 -3.83 -6.26 -12.48
C VAL A 104 -3.12 -5.07 -13.10
N ASP A 105 -2.05 -5.32 -13.87
CA ASP A 105 -1.31 -4.22 -14.49
C ASP A 105 -1.13 -4.39 -16.03
N VAL A 106 -0.68 -3.34 -16.70
CA VAL A 106 -0.52 -3.32 -18.14
C VAL A 106 0.58 -4.30 -18.58
N ARG A 107 0.25 -5.29 -19.42
CA ARG A 107 1.27 -6.23 -19.86
C ARG A 107 2.21 -5.55 -20.87
N ARG A 108 3.46 -5.96 -20.88
CA ARG A 108 4.45 -5.44 -21.83
C ARG A 108 5.51 -6.51 -21.82
N THR A 109 6.38 -6.39 -22.66
CA THR A 109 7.43 -7.40 -22.80
C THR A 109 8.33 -7.41 -21.56
N VAL A 110 8.90 -8.58 -21.28
CA VAL A 110 9.78 -8.70 -20.15
C VAL A 110 10.99 -7.79 -20.34
N ALA A 111 11.36 -7.08 -19.27
CA ALA A 111 12.51 -6.20 -19.30
C ALA A 111 13.25 -6.35 -17.99
N ALA A 112 14.53 -6.70 -18.08
CA ALA A 112 15.38 -6.87 -16.90
C ALA A 112 15.71 -5.50 -16.35
N PRO A 113 15.98 -5.43 -15.06
CA PRO A 113 16.31 -4.10 -14.49
C PRO A 113 17.73 -3.69 -14.78
N SER A 114 17.99 -2.39 -14.86
CA SER A 114 19.36 -1.89 -15.00
C SER A 114 19.64 -1.69 -13.49
N VAL A 115 20.70 -2.29 -12.98
CA VAL A 115 21.01 -2.20 -11.57
C VAL A 115 22.20 -1.31 -11.31
N PHE A 116 22.12 -0.51 -10.23
CA PHE A 116 23.16 0.42 -9.81
C PHE A 116 23.29 0.39 -8.29
N ILE A 117 24.53 0.48 -7.77
CA ILE A 117 24.77 0.48 -6.34
C ILE A 117 25.46 1.78 -5.98
N PHE A 118 24.97 2.43 -4.93
CA PHE A 118 25.51 3.70 -4.53
C PHE A 118 26.08 3.60 -3.14
N PRO A 119 27.36 3.99 -2.95
CA PRO A 119 27.96 3.92 -1.62
C PRO A 119 27.48 5.11 -0.80
N PRO A 120 27.65 5.07 0.51
CA PRO A 120 27.18 6.23 1.25
C PRO A 120 28.10 7.45 1.02
N SER A 121 27.50 8.63 1.04
CA SER A 121 28.27 9.86 0.87
C SER A 121 29.15 10.13 2.12
N ASP A 122 30.29 10.74 1.88
CA ASP A 122 31.19 11.12 2.96
C ASP A 122 30.46 12.06 3.85
N GLU A 123 29.53 12.83 3.29
CA GLU A 123 28.77 13.77 4.10
C GLU A 123 27.91 13.00 5.12
N GLN A 124 27.25 11.93 4.68
CA GLN A 124 26.42 11.17 5.61
C GLN A 124 27.32 10.52 6.66
N LEU A 125 28.39 9.86 6.20
CA LEU A 125 29.32 9.20 7.12
C LEU A 125 29.76 10.10 8.32
N LYS A 126 30.01 11.39 8.07
CA LYS A 126 30.40 12.32 9.14
C LYS A 126 29.32 12.44 10.19
N SER A 127 28.07 12.13 9.83
CA SER A 127 26.99 12.21 10.82
C SER A 127 26.87 10.90 11.58
N GLY A 128 27.70 9.92 11.21
CA GLY A 128 27.66 8.64 11.90
C GLY A 128 26.79 7.53 11.31
N THR A 129 26.08 7.79 10.22
CA THR A 129 25.28 6.71 9.63
C THR A 129 25.73 6.43 8.20
N ALA A 130 25.45 5.23 7.73
CA ALA A 130 25.83 4.85 6.41
C ALA A 130 24.67 4.21 5.68
N SER A 131 24.25 4.84 4.58
CA SER A 131 23.17 4.29 3.76
C SER A 131 23.69 3.77 2.44
N VAL A 132 23.43 2.51 2.14
CA VAL A 132 23.87 2.00 0.88
C VAL A 132 22.60 1.80 0.10
N VAL A 133 22.49 2.42 -1.08
CA VAL A 133 21.29 2.26 -1.87
C VAL A 133 21.51 1.50 -3.16
N CYS A 134 20.52 0.69 -3.50
CA CYS A 134 20.57 -0.11 -4.70
C CYS A 134 19.39 0.28 -5.52
N LEU A 135 19.61 0.51 -6.82
CA LEU A 135 18.51 0.86 -7.68
C LEU A 135 18.31 -0.18 -8.78
N LEU A 136 17.05 -0.58 -8.99
CA LEU A 136 16.65 -1.50 -10.05
C LEU A 136 15.76 -0.60 -10.88
N ASN A 137 16.25 -0.23 -12.07
CA ASN A 137 15.54 0.70 -12.94
C ASN A 137 14.77 0.12 -14.14
N ASN A 138 13.55 0.58 -14.35
CA ASN A 138 12.72 0.13 -15.48
C ASN A 138 12.66 -1.39 -15.80
N PHE A 139 12.08 -2.18 -14.92
CA PHE A 139 11.99 -3.62 -15.19
C PHE A 139 10.52 -4.06 -15.31
N TYR A 140 10.29 -5.31 -15.71
CA TYR A 140 8.94 -5.87 -15.85
C TYR A 140 9.10 -7.37 -16.05
N PRO A 141 8.27 -8.20 -15.39
CA PRO A 141 7.22 -7.85 -14.45
C PRO A 141 7.67 -7.27 -13.10
N ARG A 142 6.70 -6.84 -12.29
CA ARG A 142 6.99 -6.23 -11.03
C ARG A 142 7.80 -7.00 -10.00
N GLU A 143 7.63 -8.31 -9.92
CA GLU A 143 8.35 -9.04 -8.91
C GLU A 143 9.88 -9.04 -9.13
N ALA A 144 10.61 -8.69 -8.08
CA ALA A 144 12.05 -8.62 -8.14
C ALA A 144 12.49 -8.93 -6.73
N LYS A 145 13.69 -9.47 -6.57
CA LYS A 145 14.21 -9.79 -5.26
C LYS A 145 15.64 -9.23 -5.13
N VAL A 146 15.83 -8.46 -4.07
CA VAL A 146 17.07 -7.80 -3.77
C VAL A 146 17.62 -8.42 -2.52
N GLN A 147 18.88 -8.84 -2.58
CA GLN A 147 19.56 -9.41 -1.43
C GLN A 147 20.88 -8.69 -1.15
N TRP A 148 21.01 -8.08 0.03
CA TRP A 148 22.24 -7.40 0.38
C TRP A 148 23.23 -8.37 0.98
N LYS A 149 24.49 -8.21 0.58
CA LYS A 149 25.57 -9.02 1.13
C LYS A 149 26.73 -8.06 1.48
N VAL A 150 27.31 -8.25 2.65
CA VAL A 150 28.41 -7.47 3.15
C VAL A 150 29.53 -8.50 3.43
N ASP A 151 30.68 -8.37 2.78
CA ASP A 151 31.77 -9.35 2.99
C ASP A 151 31.14 -10.77 2.99
N ASN A 152 30.27 -11.00 2.03
CA ASN A 152 29.58 -12.26 1.86
C ASN A 152 28.56 -12.68 2.88
N ALA A 153 28.31 -11.86 3.89
CA ALA A 153 27.29 -12.21 4.87
C ALA A 153 25.97 -11.72 4.31
N LEU A 154 24.99 -12.59 4.38
CA LEU A 154 23.65 -12.29 3.92
C LEU A 154 23.03 -11.26 4.88
N GLN A 155 22.51 -10.15 4.39
CA GLN A 155 21.96 -9.16 5.33
C GLN A 155 20.47 -9.38 5.58
N SER A 156 20.01 -9.05 6.77
CA SER A 156 18.60 -9.21 7.03
C SER A 156 18.11 -8.25 8.12
N GLY A 157 16.95 -7.68 7.91
CA GLY A 157 16.38 -6.79 8.91
C GLY A 157 16.96 -5.39 8.93
N ASN A 158 17.88 -5.09 8.03
CA ASN A 158 18.48 -3.75 8.03
C ASN A 158 18.36 -2.96 6.69
N SER A 159 17.36 -3.34 5.90
CA SER A 159 17.13 -2.67 4.63
C SER A 159 15.64 -2.41 4.44
N GLN A 160 15.33 -1.45 3.58
CA GLN A 160 13.94 -1.14 3.28
C GLN A 160 13.88 -0.81 1.82
N GLU A 161 12.77 -1.15 1.18
CA GLU A 161 12.62 -0.87 -0.24
C GLU A 161 11.23 -0.31 -0.55
N SER A 162 11.15 0.42 -1.66
CA SER A 162 9.89 0.92 -2.15
C SER A 162 9.92 0.80 -3.70
N VAL A 163 8.74 0.68 -4.30
CA VAL A 163 8.59 0.47 -5.74
C VAL A 163 7.71 1.59 -6.33
N THR A 164 8.07 2.13 -7.48
CA THR A 164 7.21 3.13 -8.09
C THR A 164 5.93 2.49 -8.65
N GLU A 165 4.94 3.30 -8.99
CA GLU A 165 3.74 2.77 -9.61
C GLU A 165 4.13 2.51 -11.09
N GLN A 166 3.40 1.61 -11.77
CA GLN A 166 3.70 1.28 -13.16
C GLN A 166 3.82 2.54 -13.97
N ASP A 167 4.87 2.67 -14.78
CA ASP A 167 5.04 3.89 -15.56
C ASP A 167 3.96 3.98 -16.67
N SER A 168 3.29 5.12 -16.82
CA SER A 168 2.24 5.24 -17.85
C SER A 168 2.71 5.17 -19.31
N LYS A 169 4.00 5.37 -19.57
CA LYS A 169 4.54 5.29 -20.93
C LYS A 169 5.65 4.22 -21.07
N ASP A 170 6.15 3.61 -20.24
CA ASP A 170 7.01 2.41 -20.22
C ASP A 170 6.32 1.11 -19.89
N SER A 171 5.42 1.21 -18.91
CA SER A 171 4.74 0.03 -18.32
C SER A 171 5.73 -0.71 -17.46
N THR A 172 6.87 -0.10 -17.13
CA THR A 172 7.89 -0.77 -16.29
C THR A 172 7.80 -0.25 -14.84
N TYR A 173 8.51 -0.89 -13.93
CA TYR A 173 8.56 -0.45 -12.53
C TYR A 173 10.01 -0.19 -12.20
N SER A 174 10.25 0.54 -11.12
CA SER A 174 11.62 0.77 -10.65
C SER A 174 11.57 0.50 -9.13
N LEU A 175 12.69 0.08 -8.58
CA LEU A 175 12.74 -0.26 -7.17
C LEU A 175 14.03 0.29 -6.51
N SER A 176 13.85 0.90 -5.34
CA SER A 176 14.93 1.45 -4.58
C SER A 176 15.06 0.69 -3.29
N SER A 177 16.25 0.16 -2.98
CA SER A 177 16.46 -0.49 -1.70
C SER A 177 17.62 0.15 -0.91
N THR A 178 17.35 0.55 0.34
CA THR A 178 18.36 1.15 1.20
C THR A 178 18.85 0.21 2.32
N LEU A 179 20.17 -0.06 2.35
CA LEU A 179 20.81 -0.83 3.42
C LEU A 179 21.35 0.25 4.41
N THR A 180 20.98 0.16 5.69
CA THR A 180 21.43 1.15 6.66
C THR A 180 22.29 0.55 7.79
N LEU A 181 23.45 1.14 8.04
CA LEU A 181 24.33 0.62 9.08
C LEU A 181 24.94 1.79 9.80
N SER A 182 25.39 1.58 11.03
CA SER A 182 26.10 2.65 11.69
C SER A 182 27.44 2.89 10.93
N LYS A 183 28.00 4.07 11.08
CA LYS A 183 29.26 4.36 10.43
C LYS A 183 30.24 3.31 10.94
N ALA A 184 30.22 3.04 12.24
CA ALA A 184 31.15 2.04 12.78
C ALA A 184 31.09 0.70 12.10
N ASP A 185 29.91 0.09 12.03
CA ASP A 185 29.77 -1.21 11.37
C ASP A 185 30.19 -1.09 9.92
N TYR A 186 29.80 0.00 9.30
CA TYR A 186 30.14 0.20 7.92
C TYR A 186 31.63 0.02 7.75
N GLU A 187 32.39 0.68 8.60
CA GLU A 187 33.85 0.67 8.53
C GLU A 187 34.48 -0.67 8.78
N LYS A 188 33.75 -1.58 9.40
CA LYS A 188 34.31 -2.89 9.67
C LYS A 188 34.22 -3.88 8.53
N HIS A 189 33.84 -3.44 7.33
CA HIS A 189 33.69 -4.39 6.23
C HIS A 189 34.15 -3.79 4.92
N LYS A 190 34.34 -4.59 3.88
CA LYS A 190 34.78 -4.01 2.62
C LYS A 190 33.75 -3.88 1.52
N VAL A 191 33.40 -5.41 1.16
CA VAL A 191 32.57 -5.65 -0.02
C VAL A 191 31.07 -5.51 0.24
N TYR A 192 30.47 -4.45 -0.31
CA TYR A 192 29.05 -4.18 -0.19
C TYR A 192 28.44 -4.57 -1.51
N GLU A 193 27.53 -5.54 -1.48
CA GLU A 193 26.92 -6.06 -2.69
C GLU A 193 25.41 -6.23 -2.63
N CYS A 194 24.80 -5.78 -3.83
CA CYS A 194 23.37 -5.80 -4.04
C CYS A 194 23.12 -6.91 -5.10
N GLU A 195 22.53 -8.02 -4.67
CA GLU A 195 22.24 -9.13 -5.56
C GLU A 195 20.79 -9.06 -6.05
N VAL A 196 20.57 -9.15 -7.36
CA VAL A 196 19.22 -8.98 -7.88
C VAL A 196 18.70 -10.14 -8.70
N THR A 197 17.52 -10.65 -8.34
CA THR A 197 16.91 -11.76 -9.09
C THR A 197 15.67 -11.21 -9.75
N HIS A 198 15.49 -11.58 -11.01
CA HIS A 198 14.34 -11.11 -11.76
C HIS A 198 14.13 -11.99 -12.96
N GLN A 199 12.89 -12.07 -13.40
CA GLN A 199 12.57 -12.93 -14.51
C GLN A 199 13.36 -12.63 -15.77
N GLY A 200 13.64 -11.36 -16.04
CA GLY A 200 14.39 -11.03 -17.24
C GLY A 200 15.90 -11.26 -17.17
N LEU A 201 16.39 -11.77 -16.04
CA LEU A 201 17.80 -11.98 -15.93
C LEU A 201 18.05 -13.46 -15.94
N SER A 202 18.89 -13.90 -16.89
CA SER A 202 19.25 -15.30 -17.02
C SER A 202 20.11 -15.71 -15.81
N SER A 203 20.49 -15.14 -14.91
CA SER A 203 20.85 -15.59 -13.57
C SER A 203 21.00 -14.27 -12.83
N PRO A 204 21.10 -14.31 -11.49
CA PRO A 204 21.23 -13.13 -10.64
C PRO A 204 22.39 -12.23 -10.99
N VAL A 205 22.15 -10.94 -10.94
CA VAL A 205 23.20 -10.01 -11.24
C VAL A 205 23.63 -9.38 -9.92
N THR A 206 24.93 -9.19 -9.75
CA THR A 206 25.40 -8.54 -8.55
C THR A 206 26.19 -7.27 -8.89
N LYS A 207 25.87 -6.17 -8.19
CA LYS A 207 26.58 -4.91 -8.35
C LYS A 207 27.18 -4.66 -7.00
N SER A 208 28.47 -4.32 -6.98
CA SER A 208 29.12 -4.06 -5.73
C SER A 208 30.30 -3.12 -5.81
N PHE A 209 30.82 -2.80 -4.64
CA PHE A 209 31.97 -1.97 -4.47
C PHE A 209 32.73 -2.34 -3.20
N ASN A 210 34.01 -1.95 -3.14
CA ASN A 210 34.79 -2.21 -1.95
C ASN A 210 34.89 -0.88 -1.28
N ARG A 211 34.52 -0.85 0.00
CA ARG A 211 34.54 0.39 0.76
C ARG A 211 35.95 0.97 0.82
N GLY A 212 36.01 2.28 0.76
CA GLY A 212 37.28 2.97 0.85
C GLY A 212 38.23 2.78 -0.33
N GLU A 213 37.91 1.90 -1.26
CA GLU A 213 38.81 1.74 -2.37
C GLU A 213 38.80 3.09 -3.10
N CYS A 214 39.96 3.67 -3.39
CA CYS A 214 40.04 4.98 -4.03
C CYS A 214 41.01 5.04 -5.20
N ARG B 1 -28.97 8.50 -1.92
CA ARG B 1 -27.48 8.41 -2.01
C ARG B 1 -26.82 8.35 -0.61
N ILE B 2 -26.05 7.28 -0.44
CA ILE B 2 -25.36 7.04 0.77
C ILE B 2 -23.93 7.54 0.70
N THR B 3 -23.51 8.30 1.68
CA THR B 3 -22.13 8.71 1.66
C THR B 3 -21.61 8.58 3.12
N LEU B 4 -20.33 8.27 3.28
CA LEU B 4 -19.69 8.18 4.59
C LEU B 4 -18.38 8.92 4.49
N LYS B 5 -17.95 9.47 5.61
CA LYS B 5 -16.67 10.17 5.71
C LYS B 5 -16.03 10.04 7.10
N GLU B 6 -14.75 9.65 7.07
CA GLU B 6 -13.97 9.45 8.28
C GLU B 6 -13.29 10.74 8.76
N SER B 7 -13.19 10.94 10.07
CA SER B 7 -12.45 12.09 10.57
C SER B 7 -11.72 11.67 11.87
N GLY B 8 -10.63 12.36 12.20
CA GLY B 8 -9.86 12.09 13.40
C GLY B 8 -8.46 12.68 13.22
N PRO B 9 -7.52 12.40 14.13
CA PRO B 9 -6.17 12.95 14.01
C PRO B 9 -5.31 12.25 12.94
N PRO B 10 -4.55 13.02 12.12
CA PRO B 10 -3.72 12.38 11.11
C PRO B 10 -2.48 11.77 11.72
N LEU B 11 -2.12 12.31 12.86
CA LEU B 11 -0.91 11.86 13.53
C LEU B 11 -1.18 11.46 14.94
N VAL B 12 -0.61 10.35 15.36
CA VAL B 12 -0.78 9.92 16.74
C VAL B 12 0.48 9.29 17.21
N LYS B 13 0.78 9.46 18.50
CA LYS B 13 2.00 8.89 19.09
C LYS B 13 1.74 7.54 19.74
N PRO B 14 2.76 6.68 19.72
CA PRO B 14 2.72 5.36 20.30
C PRO B 14 2.21 5.47 21.73
N THR B 15 1.51 4.42 22.16
CA THR B 15 0.82 4.23 23.44
C THR B 15 -0.44 5.07 23.53
N GLN B 16 -0.58 6.06 22.65
CA GLN B 16 -1.78 6.88 22.76
C GLN B 16 -3.05 6.19 22.27
N THR B 17 -4.17 6.86 22.53
CA THR B 17 -5.47 6.40 22.13
C THR B 17 -5.96 7.16 20.90
N LEU B 18 -6.45 6.40 19.92
CA LEU B 18 -6.94 6.91 18.66
C LEU B 18 -8.44 6.76 18.58
N THR B 19 -9.12 7.87 18.34
CA THR B 19 -10.56 7.92 18.22
C THR B 19 -10.88 8.40 16.79
N LEU B 20 -11.60 7.57 16.05
CA LEU B 20 -11.97 7.84 14.68
C LEU B 20 -13.49 7.92 14.62
N THR B 21 -13.98 8.92 13.88
CA THR B 21 -15.39 9.13 13.71
C THR B 21 -15.83 8.94 12.23
N CYS B 22 -16.93 8.22 12.04
CA CYS B 22 -17.50 8.01 10.73
C CYS B 22 -18.80 8.76 10.78
N SER B 23 -18.95 9.81 9.96
CA SER B 23 -20.22 10.58 9.91
C SER B 23 -20.84 10.18 8.57
N PHE B 24 -22.12 9.86 8.54
CA PHE B 24 -22.72 9.43 7.28
C PHE B 24 -24.07 10.11 7.00
N SER B 25 -24.58 9.94 5.78
CA SER B 25 -25.91 10.50 5.42
C SER B 25 -26.52 9.52 4.41
N GLY B 26 -27.83 9.56 4.22
CA GLY B 26 -28.50 8.62 3.31
C GLY B 26 -29.10 7.38 3.98
N PHE B 27 -28.81 7.16 5.26
CA PHE B 27 -29.40 6.00 5.93
C PHE B 27 -29.36 6.31 7.43
N SER B 28 -30.05 5.53 8.23
CA SER B 28 -30.03 5.81 9.63
C SER B 28 -29.55 4.54 10.32
N LEU B 29 -28.83 4.65 11.43
CA LEU B 29 -28.42 3.44 12.10
C LEU B 29 -29.58 2.93 12.92
N SER B 30 -30.77 3.41 12.62
CA SER B 30 -31.94 2.88 13.27
C SER B 30 -32.68 2.10 12.15
N ASP B 31 -32.17 2.10 10.92
CA ASP B 31 -32.89 1.37 9.88
C ASP B 31 -32.68 -0.13 10.15
N PHE B 32 -33.62 -0.95 9.74
CA PHE B 32 -33.55 -2.38 9.98
C PHE B 32 -32.31 -3.10 9.48
N GLY B 33 -31.65 -3.80 10.39
CA GLY B 33 -30.45 -4.59 10.11
C GLY B 33 -29.25 -3.91 9.51
N VAL B 34 -29.25 -2.58 9.42
CA VAL B 34 -28.09 -1.91 8.83
C VAL B 34 -26.82 -2.04 9.70
N GLY B 35 -25.64 -2.06 9.06
CA GLY B 35 -24.38 -2.11 9.76
C GLY B 35 -23.41 -1.04 9.24
N VAL B 36 -22.44 -0.70 10.07
CA VAL B 36 -21.40 0.22 9.69
C VAL B 36 -20.14 -0.51 10.24
N GLY B 37 -19.12 -0.71 9.40
CA GLY B 37 -17.92 -1.42 9.81
C GLY B 37 -16.72 -0.52 9.54
N TRP B 38 -15.57 -0.96 10.00
CA TRP B 38 -14.31 -0.25 9.85
C TRP B 38 -13.33 -1.24 9.28
N ILE B 39 -12.53 -0.79 8.31
CA ILE B 39 -11.54 -1.62 7.65
C ILE B 39 -10.26 -0.74 7.52
N ARG B 40 -9.07 -1.31 7.62
CA ARG B 40 -7.88 -0.44 7.53
C ARG B 40 -6.97 -0.99 6.44
N GLN B 41 -6.03 -0.18 6.02
CA GLN B 41 -5.12 -0.61 4.95
C GLN B 41 -3.74 0.03 5.17
N PRO B 42 -2.77 -0.70 5.72
CA PRO B 42 -1.44 -0.14 5.93
C PRO B 42 -0.86 0.19 4.52
N PRO B 43 0.00 1.21 4.41
CA PRO B 43 0.49 1.50 3.04
C PRO B 43 1.10 0.30 2.29
N GLY B 44 0.66 0.14 1.06
CA GLY B 44 1.12 -0.97 0.25
C GLY B 44 0.58 -2.34 0.65
N LYS B 45 -0.19 -2.44 1.74
CA LYS B 45 -0.72 -3.74 2.14
C LYS B 45 -2.21 -4.02 1.75
N ALA B 46 -2.70 -5.18 2.16
CA ALA B 46 -4.06 -5.66 1.93
C ALA B 46 -5.06 -5.02 2.89
N LEU B 47 -6.35 -5.17 2.61
CA LEU B 47 -7.38 -4.63 3.49
C LEU B 47 -7.45 -5.51 4.71
N GLU B 48 -7.73 -4.91 5.86
CA GLU B 48 -7.86 -5.69 7.08
C GLU B 48 -9.14 -5.26 7.84
N TRP B 49 -10.01 -6.24 8.08
CA TRP B 49 -11.28 -5.97 8.74
C TRP B 49 -11.05 -5.68 10.22
N LEU B 50 -11.72 -4.66 10.76
CA LEU B 50 -11.55 -4.29 12.18
C LEU B 50 -12.76 -4.53 13.10
N ALA B 51 -13.93 -4.12 12.65
CA ALA B 51 -15.10 -4.24 13.49
C ALA B 51 -16.37 -3.81 12.76
N ILE B 52 -17.50 -4.09 13.36
CA ILE B 52 -18.73 -3.62 12.72
C ILE B 52 -19.76 -3.47 13.81
N ILE B 53 -20.71 -2.57 13.60
CA ILE B 53 -21.81 -2.38 14.56
C ILE B 53 -23.12 -2.29 13.78
N TYR B 54 -24.16 -2.91 14.31
CA TYR B 54 -25.49 -2.89 13.64
C TYR B 54 -26.46 -1.98 14.37
N SER B 55 -27.55 -1.63 13.68
CA SER B 55 -28.56 -0.77 14.27
C SER B 55 -29.22 -1.37 15.54
N ASP B 56 -29.29 -2.70 15.69
CA ASP B 56 -29.84 -3.28 16.92
C ASP B 56 -28.74 -3.30 18.02
N ASP B 57 -27.61 -2.67 17.72
CA ASP B 57 -26.49 -2.51 18.60
C ASP B 57 -25.58 -3.73 18.92
N ASP B 58 -25.63 -4.77 18.10
CA ASP B 58 -24.75 -5.95 18.25
C ASP B 58 -23.40 -5.38 17.74
N LYS B 59 -22.30 -5.80 18.38
CA LYS B 59 -20.95 -5.32 18.01
C LYS B 59 -20.05 -6.53 17.80
N ARG B 60 -19.11 -6.47 16.86
CA ARG B 60 -18.18 -7.59 16.65
C ARG B 60 -16.82 -6.98 16.31
N TYR B 61 -15.76 -7.64 16.76
CA TYR B 61 -14.42 -7.15 16.57
C TYR B 61 -13.49 -8.19 16.05
N SER B 62 -12.48 -7.71 15.36
CA SER B 62 -11.41 -8.53 14.90
C SER B 62 -10.83 -9.20 16.17
N PRO B 63 -10.63 -10.52 16.17
CA PRO B 63 -10.07 -11.18 17.38
C PRO B 63 -8.64 -10.71 17.70
N SER B 64 -7.84 -10.47 16.68
CA SER B 64 -6.49 -9.96 16.88
C SER B 64 -6.42 -8.57 17.52
N LEU B 65 -7.48 -7.76 17.44
CA LEU B 65 -7.43 -6.41 17.99
C LEU B 65 -8.49 -6.15 19.07
N ASN B 66 -9.24 -7.19 19.35
CA ASN B 66 -10.33 -7.11 20.29
C ASN B 66 -10.03 -6.28 21.54
N THR B 67 -8.94 -6.58 22.23
CA THR B 67 -8.61 -5.84 23.45
C THR B 67 -8.36 -4.34 23.28
N ARG B 68 -8.01 -3.89 22.08
CA ARG B 68 -7.72 -2.47 21.90
C ARG B 68 -8.88 -1.68 21.21
N LEU B 69 -9.91 -2.38 20.73
CA LEU B 69 -10.99 -1.68 20.04
C LEU B 69 -12.30 -1.55 20.77
N THR B 70 -12.92 -0.39 20.59
CA THR B 70 -14.27 -0.16 21.10
C THR B 70 -15.05 0.49 19.94
N ILE B 71 -16.22 -0.04 19.57
CA ILE B 71 -16.94 0.63 18.52
C ILE B 71 -18.27 1.04 19.16
N THR B 72 -18.76 2.21 18.79
CA THR B 72 -20.01 2.66 19.40
C THR B 72 -20.81 3.47 18.40
N LYS B 73 -22.10 3.65 18.62
CA LYS B 73 -22.79 4.48 17.66
C LYS B 73 -23.53 5.62 18.28
N ASP B 74 -23.77 6.68 17.51
CA ASP B 74 -24.57 7.77 18.04
C ASP B 74 -25.62 8.00 16.93
N THR B 75 -26.72 7.30 17.09
CA THR B 75 -27.80 7.26 16.13
C THR B 75 -28.35 8.58 15.75
N SER B 76 -28.55 9.44 16.75
CA SER B 76 -29.11 10.75 16.51
C SER B 76 -28.14 11.67 15.80
N LYS B 77 -26.83 11.42 15.90
CA LYS B 77 -25.87 12.28 15.17
C LYS B 77 -25.40 11.61 13.85
N ASN B 78 -25.94 10.43 13.56
CA ASN B 78 -25.50 9.67 12.37
C ASN B 78 -23.99 9.50 12.38
N GLN B 79 -23.46 9.00 13.48
CA GLN B 79 -22.03 8.76 13.55
C GLN B 79 -21.75 7.43 14.23
N VAL B 80 -20.59 6.87 13.86
CA VAL B 80 -20.11 5.62 14.45
C VAL B 80 -18.70 5.96 14.81
N VAL B 81 -18.33 5.62 16.03
CA VAL B 81 -17.00 5.92 16.53
C VAL B 81 -16.26 4.63 16.84
N LEU B 82 -14.98 4.59 16.47
CA LEU B 82 -14.12 3.47 16.73
C LEU B 82 -12.95 4.06 17.53
N VAL B 83 -12.72 3.48 18.71
CA VAL B 83 -11.64 3.88 19.59
C VAL B 83 -10.61 2.77 19.68
N MET B 84 -9.38 3.08 19.32
CA MET B 84 -8.30 2.11 19.39
C MET B 84 -7.29 2.60 20.44
N THR B 85 -7.00 1.77 21.43
CA THR B 85 -6.09 2.17 22.49
C THR B 85 -4.73 1.65 22.23
N ARG B 86 -3.76 2.21 22.96
CA ARG B 86 -2.38 1.73 22.90
C ARG B 86 -1.86 1.51 21.48
N VAL B 87 -1.94 2.53 20.65
CA VAL B 87 -1.45 2.32 19.30
C VAL B 87 0.04 2.23 19.25
N SER B 88 0.52 1.58 18.21
CA SER B 88 1.94 1.47 17.98
C SER B 88 2.17 1.78 16.49
N PRO B 89 3.43 1.90 16.05
CA PRO B 89 3.69 2.19 14.63
C PRO B 89 3.00 1.30 13.59
N VAL B 90 2.86 0.00 13.86
CA VAL B 90 2.19 -0.90 12.90
C VAL B 90 0.71 -0.54 12.68
N ASP B 91 0.16 0.33 13.51
CA ASP B 91 -1.20 0.76 13.31
C ASP B 91 -1.26 1.91 12.27
N THR B 92 -0.13 2.29 11.67
CA THR B 92 -0.26 3.36 10.68
C THR B 92 -0.94 2.73 9.47
N ALA B 93 -2.00 3.38 9.01
CA ALA B 93 -2.79 2.83 7.91
C ALA B 93 -3.81 3.84 7.48
N THR B 94 -4.44 3.57 6.35
CA THR B 94 -5.58 4.38 5.96
C THR B 94 -6.79 3.58 6.56
N TYR B 95 -7.65 4.28 7.29
CA TYR B 95 -8.82 3.70 7.96
C TYR B 95 -10.09 4.08 7.21
N PHE B 96 -10.92 3.08 6.82
CA PHE B 96 -12.17 3.34 6.11
C PHE B 96 -13.37 2.85 6.94
N CYS B 97 -14.49 3.58 6.90
CA CYS B 97 -15.72 3.06 7.50
C CYS B 97 -16.59 2.69 6.29
N ALA B 98 -17.55 1.81 6.47
CA ALA B 98 -18.35 1.40 5.33
C ALA B 98 -19.75 0.92 5.79
N HIS B 99 -20.70 1.07 4.87
CA HIS B 99 -22.05 0.69 5.05
C HIS B 99 -22.27 -0.75 4.66
N ARG B 100 -23.12 -1.41 5.42
CA ARG B 100 -23.53 -2.78 5.15
C ARG B 100 -25.07 -2.76 5.15
N ARG B 101 -25.66 -3.20 4.06
CA ARG B 101 -27.10 -3.25 3.94
C ARG B 101 -27.69 -4.26 4.89
N GLY B 102 -28.94 -4.05 5.28
CA GLY B 102 -29.66 -5.02 6.09
C GLY B 102 -30.53 -5.85 5.11
N PRO B 103 -31.22 -6.93 5.49
CA PRO B 103 -32.01 -7.67 4.51
C PRO B 103 -33.11 -6.84 3.84
N THR B 104 -33.41 -7.17 2.60
CA THR B 104 -34.52 -6.47 1.95
C THR B 104 -35.81 -6.92 2.65
N THR B 105 -36.74 -5.98 2.79
CA THR B 105 -38.03 -6.26 3.40
C THR B 105 -39.20 -5.96 2.42
N LEU B 106 -40.30 -6.66 2.61
CA LEU B 106 -41.46 -6.44 1.77
C LEU B 106 -42.55 -6.29 2.79
N PHE B 107 -43.17 -5.11 2.80
CA PHE B 107 -44.21 -4.77 3.78
C PHE B 107 -43.61 -5.14 5.14
N GLY B 108 -42.39 -4.64 5.38
CA GLY B 108 -41.73 -4.89 6.65
C GLY B 108 -41.60 -6.35 7.00
N VAL B 109 -41.27 -7.15 5.99
CA VAL B 109 -41.03 -8.57 6.24
C VAL B 109 -39.72 -8.88 5.50
N PRO B 110 -38.73 -9.40 6.23
CA PRO B 110 -37.44 -9.74 5.63
C PRO B 110 -37.66 -10.88 4.63
N ILE B 111 -37.25 -10.67 3.38
CA ILE B 111 -37.42 -11.65 2.31
C ILE B 111 -36.14 -11.98 1.56
N ALA B 112 -35.13 -11.12 1.67
CA ALA B 112 -33.84 -11.39 0.99
C ALA B 112 -32.64 -11.02 1.82
N ARG B 113 -31.78 -12.01 2.11
CA ARG B 113 -30.59 -11.69 2.87
C ARG B 113 -29.33 -11.53 1.98
N GLY B 114 -29.43 -11.89 0.69
CA GLY B 114 -28.30 -11.72 -0.20
C GLY B 114 -27.71 -10.31 -0.14
N PRO B 115 -28.51 -9.23 -0.05
CA PRO B 115 -27.85 -7.91 0.00
C PRO B 115 -26.93 -7.61 1.19
N VAL B 116 -26.97 -8.40 2.25
CA VAL B 116 -26.07 -8.13 3.36
C VAL B 116 -24.71 -8.66 3.09
N ASN B 117 -24.53 -9.44 2.03
CA ASN B 117 -23.21 -10.00 1.81
C ASN B 117 -22.23 -9.14 1.00
N ALA B 118 -21.86 -8.01 1.59
CA ALA B 118 -20.89 -7.05 1.02
C ALA B 118 -20.92 -5.79 1.88
N MET B 119 -19.87 -4.96 1.78
CA MET B 119 -19.91 -3.65 2.42
C MET B 119 -20.06 -2.84 1.10
N ASP B 120 -21.26 -2.29 0.88
CA ASP B 120 -21.60 -1.62 -0.40
C ASP B 120 -21.19 -0.19 -0.69
N VAL B 121 -20.98 0.62 0.36
CA VAL B 121 -20.54 2.00 0.17
C VAL B 121 -19.46 2.30 1.20
N TRP B 122 -18.39 2.89 0.70
CA TRP B 122 -17.22 3.19 1.50
C TRP B 122 -16.91 4.67 1.65
N GLY B 123 -16.24 5.06 2.72
CA GLY B 123 -15.86 6.45 2.86
C GLY B 123 -14.52 6.58 2.12
N GLN B 124 -14.09 7.80 1.83
CA GLN B 124 -12.80 8.02 1.14
C GLN B 124 -11.60 7.44 1.94
N GLY B 125 -11.68 7.36 3.26
CA GLY B 125 -10.57 6.82 4.03
C GLY B 125 -9.79 7.94 4.68
N ILE B 126 -9.27 7.70 5.88
CA ILE B 126 -8.48 8.71 6.52
C ILE B 126 -7.11 8.10 6.87
N THR B 127 -6.08 8.80 6.48
CA THR B 127 -4.70 8.36 6.70
C THR B 127 -4.23 8.70 8.08
N VAL B 128 -3.80 7.70 8.83
CA VAL B 128 -3.30 7.91 10.19
C VAL B 128 -1.85 7.38 10.31
N THR B 129 -0.99 8.24 10.82
CA THR B 129 0.42 7.88 10.99
C THR B 129 0.73 7.80 12.48
N ILE B 130 1.34 6.70 12.89
CA ILE B 130 1.70 6.57 14.30
C ILE B 130 3.22 6.67 14.44
N SER B 131 3.65 7.75 15.06
CA SER B 131 5.07 8.02 15.26
C SER B 131 5.26 8.97 16.45
N SER B 132 6.34 8.76 17.20
CA SER B 132 6.61 9.64 18.32
C SER B 132 7.39 10.85 17.83
N THR B 133 7.77 10.89 16.55
CA THR B 133 8.57 12.00 16.03
C THR B 133 7.98 13.42 16.05
N SER B 134 8.78 14.36 16.19
CA SER B 134 8.39 15.77 16.09
C SER B 134 8.72 16.20 14.67
N THR B 135 8.10 17.28 14.22
CA THR B 135 8.40 17.81 12.90
C THR B 135 9.93 17.93 12.73
N LYS B 136 10.45 17.53 11.57
CA LYS B 136 11.88 17.60 11.32
C LYS B 136 12.26 17.60 9.82
N GLY B 137 13.15 18.50 9.43
CA GLY B 137 13.58 18.58 8.05
C GLY B 137 14.58 17.48 7.65
N PRO B 138 14.60 17.08 6.37
CA PRO B 138 15.49 16.04 5.84
C PRO B 138 16.95 16.47 5.68
N SER B 139 17.84 15.48 5.71
CA SER B 139 19.24 15.70 5.42
C SER B 139 19.25 15.23 3.96
N VAL B 140 19.96 15.91 3.09
CA VAL B 140 19.96 15.47 1.72
C VAL B 140 21.34 15.02 1.31
N PHE B 141 21.47 13.79 0.84
CA PHE B 141 22.79 13.31 0.47
C PHE B 141 22.82 12.93 -0.98
N PRO B 142 24.01 12.99 -1.61
CA PRO B 142 24.13 12.64 -3.04
C PRO B 142 24.18 11.16 -3.28
N LEU B 143 23.65 10.74 -4.41
CA LEU B 143 23.70 9.34 -4.82
C LEU B 143 24.47 9.47 -6.17
N ALA B 144 25.72 9.05 -6.17
CA ALA B 144 26.52 9.17 -7.40
C ALA B 144 27.09 7.85 -7.86
N PRO B 145 27.11 7.67 -9.20
CA PRO B 145 27.62 6.47 -9.94
C PRO B 145 29.04 5.95 -9.52
N ALA B 154 23.19 3.56 -19.76
CA ALA B 154 22.60 4.64 -19.02
C ALA B 154 23.40 4.76 -17.73
N ALA B 155 23.44 5.96 -17.18
CA ALA B 155 24.14 6.21 -15.92
C ALA B 155 23.04 6.67 -14.94
N ALA B 156 23.24 6.47 -13.64
CA ALA B 156 22.21 6.90 -12.68
C ALA B 156 22.75 7.73 -11.56
N LEU B 157 21.95 8.67 -11.11
CA LEU B 157 22.38 9.42 -9.94
C LEU B 157 21.13 9.90 -9.21
N GLY B 158 21.30 10.44 -8.02
CA GLY B 158 20.12 10.88 -7.32
C GLY B 158 20.43 11.58 -6.02
N CYS B 159 19.40 11.67 -5.20
CA CYS B 159 19.48 12.30 -3.89
C CYS B 159 18.67 11.40 -2.92
N LEU B 160 19.19 11.27 -1.72
CA LEU B 160 18.64 10.45 -0.65
C LEU B 160 18.17 11.47 0.32
N VAL B 161 16.84 11.56 0.46
CA VAL B 161 16.22 12.54 1.32
C VAL B 161 15.95 11.82 2.63
N LYS B 162 16.83 11.98 3.59
CA LYS B 162 16.77 11.23 4.83
C LYS B 162 16.35 11.85 6.14
N ASP B 163 15.57 11.09 6.92
CA ASP B 163 15.16 11.51 8.26
C ASP B 163 14.30 12.73 8.42
N TYR B 164 13.14 12.72 7.80
CA TYR B 164 12.30 13.87 7.93
C TYR B 164 10.93 13.42 8.43
N PHE B 165 10.14 14.38 8.93
CA PHE B 165 8.79 14.12 9.41
C PHE B 165 8.01 15.42 9.53
N PRO B 166 6.72 15.39 9.15
CA PRO B 166 5.99 14.22 8.64
C PRO B 166 6.04 14.28 7.12
N GLU B 167 5.23 13.46 6.44
CA GLU B 167 5.12 13.54 4.99
C GLU B 167 4.35 14.87 4.74
N PRO B 168 4.45 15.44 3.55
CA PRO B 168 5.21 14.95 2.41
C PRO B 168 6.43 15.79 2.17
N VAL B 169 7.20 15.40 1.17
CA VAL B 169 8.32 16.21 0.76
C VAL B 169 8.19 16.28 -0.79
N THR B 170 8.67 17.37 -1.42
CA THR B 170 8.63 17.41 -2.88
C THR B 170 10.05 17.45 -3.42
N VAL B 171 10.29 16.75 -4.52
CA VAL B 171 11.60 16.73 -5.13
C VAL B 171 11.44 16.95 -6.62
N SER B 172 12.27 17.80 -7.20
CA SER B 172 12.26 17.97 -8.64
C SER B 172 13.75 17.98 -9.03
N TRP B 173 14.04 17.90 -10.32
CA TRP B 173 15.39 17.96 -10.83
C TRP B 173 15.53 19.22 -11.73
N ASN B 174 16.68 19.88 -11.63
CA ASN B 174 16.99 21.10 -12.37
C ASN B 174 15.83 22.05 -12.39
N SER B 175 15.39 22.43 -11.20
CA SER B 175 14.30 23.37 -11.00
C SER B 175 13.04 23.04 -11.80
N GLY B 176 12.87 21.77 -12.15
CA GLY B 176 11.68 21.38 -12.89
C GLY B 176 11.92 21.09 -14.37
N ALA B 177 13.12 21.36 -14.87
CA ALA B 177 13.43 21.13 -16.29
C ALA B 177 13.80 19.71 -16.63
N LEU B 178 14.21 18.96 -15.61
CA LEU B 178 14.58 17.59 -15.87
C LEU B 178 13.42 16.71 -15.38
N THR B 179 12.82 15.99 -16.32
CA THR B 179 11.71 15.09 -16.03
C THR B 179 11.89 13.70 -16.63
N SER B 180 12.47 13.60 -17.82
CA SER B 180 12.58 12.27 -18.37
C SER B 180 13.61 11.46 -17.61
N GLY B 181 13.27 10.22 -17.26
CA GLY B 181 14.20 9.35 -16.54
C GLY B 181 14.20 9.60 -15.03
N VAL B 182 13.31 10.44 -14.54
CA VAL B 182 13.27 10.72 -13.12
C VAL B 182 12.33 9.74 -12.41
N HIS B 183 12.78 9.18 -11.30
CA HIS B 183 11.94 8.31 -10.48
C HIS B 183 12.08 8.73 -9.03
N THR B 184 11.00 9.25 -8.46
CA THR B 184 11.01 9.64 -7.07
C THR B 184 10.18 8.54 -6.36
N PHE B 185 10.82 7.74 -5.53
CA PHE B 185 10.15 6.66 -4.84
C PHE B 185 9.32 7.07 -3.64
N PRO B 186 8.32 6.25 -3.30
CA PRO B 186 7.50 6.58 -2.12
C PRO B 186 8.44 6.39 -0.92
N ALA B 187 8.27 7.24 0.06
CA ALA B 187 9.07 7.23 1.30
C ALA B 187 8.71 5.99 2.13
N VAL B 188 9.66 5.55 2.93
CA VAL B 188 9.45 4.43 3.83
C VAL B 188 9.53 5.09 5.23
N LEU B 189 8.75 4.58 6.18
CA LEU B 189 8.71 5.09 7.54
C LEU B 189 9.70 4.19 8.23
N GLN B 190 10.84 4.75 8.67
CA GLN B 190 11.88 3.96 9.35
C GLN B 190 11.49 3.61 10.77
N SER B 191 12.16 2.63 11.35
CA SER B 191 11.82 2.24 12.69
C SER B 191 12.04 3.38 13.65
N SER B 192 12.85 4.36 13.24
CA SER B 192 13.09 5.53 14.09
C SER B 192 11.83 6.42 14.15
N GLY B 193 10.92 6.27 13.20
CA GLY B 193 9.71 7.13 13.17
C GLY B 193 9.84 8.32 12.20
N LEU B 194 10.92 8.30 11.44
CA LEU B 194 11.20 9.35 10.47
C LEU B 194 11.12 8.74 9.08
N TYR B 195 10.77 9.54 8.11
CA TYR B 195 10.66 8.99 6.77
C TYR B 195 12.01 9.10 6.04
N SER B 196 12.10 8.37 4.92
CA SER B 196 13.28 8.47 4.09
C SER B 196 12.88 8.06 2.71
N LEU B 197 13.42 8.78 1.73
CA LEU B 197 13.15 8.50 0.33
C LEU B 197 14.31 8.81 -0.61
N SER B 198 14.30 8.16 -1.74
CA SER B 198 15.34 8.44 -2.72
C SER B 198 14.60 8.97 -3.93
N SER B 199 15.31 9.74 -4.74
CA SER B 199 14.82 10.27 -6.00
C SER B 199 16.01 10.07 -6.93
N VAL B 200 15.84 9.37 -8.04
CA VAL B 200 16.98 9.17 -8.90
C VAL B 200 16.64 9.62 -10.32
N VAL B 201 17.65 9.69 -11.16
CA VAL B 201 17.44 10.02 -12.55
C VAL B 201 18.48 9.30 -13.41
N THR B 202 18.04 8.74 -14.51
CA THR B 202 18.87 8.01 -15.46
C THR B 202 19.09 8.89 -16.70
N VAL B 203 20.33 8.95 -17.18
CA VAL B 203 20.65 9.77 -18.34
C VAL B 203 21.65 9.04 -19.21
N PRO B 204 21.77 9.45 -20.51
CA PRO B 204 22.73 8.79 -21.42
C PRO B 204 24.10 8.97 -20.77
N SER B 205 24.85 7.86 -20.67
CA SER B 205 26.16 7.91 -20.00
C SER B 205 27.10 9.01 -20.48
N SER B 206 26.63 9.82 -21.41
CA SER B 206 27.40 10.91 -21.96
C SER B 206 27.02 12.25 -21.30
N SER B 207 25.73 12.42 -20.99
CA SER B 207 25.26 13.68 -20.42
C SER B 207 26.04 14.12 -19.20
N LEU B 208 26.63 13.15 -18.51
CA LEU B 208 27.41 13.46 -17.34
C LEU B 208 28.46 14.55 -17.57
N GLN B 211 26.24 18.44 -19.25
CA GLN B 211 25.01 18.70 -18.47
C GLN B 211 25.09 18.59 -16.89
N THR B 212 24.48 19.50 -16.12
CA THR B 212 24.54 19.38 -14.63
C THR B 212 23.21 18.90 -14.02
N TYR B 213 23.30 18.25 -12.86
CA TYR B 213 22.13 17.69 -12.18
C TYR B 213 21.96 18.14 -10.74
N THR B 214 20.88 18.84 -10.46
CA THR B 214 20.67 19.29 -9.12
C THR B 214 19.25 18.91 -8.64
N CYS B 215 19.12 18.27 -7.47
CA CYS B 215 17.78 17.91 -7.00
C CYS B 215 17.31 19.05 -6.14
N ASN B 216 16.04 19.46 -6.28
CA ASN B 216 15.47 20.55 -5.45
C ASN B 216 14.51 19.85 -4.53
N VAL B 217 14.82 19.89 -3.24
CA VAL B 217 14.05 19.21 -2.19
C VAL B 217 13.33 20.22 -1.34
N ASN B 218 12.08 19.96 -1.03
CA ASN B 218 11.34 20.93 -0.21
C ASN B 218 10.41 20.23 0.77
N HIS B 219 10.64 20.42 2.06
CA HIS B 219 9.79 19.81 3.08
C HIS B 219 9.01 20.98 3.73
N LYS B 220 7.82 21.28 3.23
CA LYS B 220 7.04 22.41 3.75
C LYS B 220 6.87 22.42 5.25
N PRO B 221 6.47 21.28 5.84
CA PRO B 221 6.27 21.17 7.27
C PRO B 221 7.33 21.80 8.14
N SER B 222 8.60 21.65 7.77
CA SER B 222 9.72 22.22 8.57
C SER B 222 10.40 23.44 7.96
N ASN B 223 9.86 23.96 6.86
CA ASN B 223 10.45 25.09 6.17
C ASN B 223 11.87 24.71 5.80
N THR B 224 12.09 23.67 5.08
CA THR B 224 13.43 23.24 4.71
C THR B 224 13.56 23.08 3.21
N LYS B 225 14.21 24.02 2.53
CA LYS B 225 14.43 23.86 1.07
C LYS B 225 15.92 23.60 0.88
N VAL B 226 16.26 22.70 -0.02
CA VAL B 226 17.64 22.37 -0.25
C VAL B 226 17.80 22.11 -1.73
N ASP B 227 18.89 22.59 -2.32
CA ASP B 227 19.17 22.27 -3.72
C ASP B 227 20.51 21.58 -3.58
N LYS B 228 20.64 20.37 -4.13
CA LYS B 228 21.90 19.65 -4.04
C LYS B 228 22.34 19.20 -5.41
N ARG B 229 23.46 19.74 -5.86
CA ARG B 229 23.99 19.40 -7.15
C ARG B 229 24.77 18.11 -6.94
N VAL B 230 24.55 17.15 -7.82
CA VAL B 230 25.17 15.85 -7.70
C VAL B 230 26.05 15.57 -8.92
N GLU B 231 27.27 15.15 -8.71
CA GLU B 231 28.07 14.84 -9.90
C GLU B 231 28.85 13.56 -9.71
N PRO B 232 29.44 13.06 -10.81
CA PRO B 232 30.25 11.82 -10.79
C PRO B 232 31.57 11.89 -10.01
N LYS B 233 31.47 12.06 -8.68
CA LYS B 233 32.62 12.17 -7.73
C LYS B 233 34.06 12.35 -8.30
N SER B 234 35.05 11.66 -7.72
CA SER B 234 36.45 11.72 -8.19
C SER B 234 37.01 13.16 -8.43
N GLU C 1 -16.97 -16.77 14.53
CA GLU C 1 -18.31 -17.38 14.70
C GLU C 1 -19.25 -17.02 13.53
N ALA C 2 -20.49 -17.48 13.60
CA ALA C 2 -21.51 -17.25 12.58
C ALA C 2 -21.95 -15.78 12.42
N ASP C 3 -21.92 -15.29 11.17
CA ASP C 3 -22.34 -13.91 10.84
C ASP C 3 -23.80 -13.69 11.30
N LYS C 4 -24.16 -12.44 11.46
CA LYS C 4 -25.51 -12.04 11.85
C LYS C 4 -26.57 -12.74 10.96
N TRP C 5 -26.41 -12.62 9.64
CA TRP C 5 -27.36 -13.21 8.70
C TRP C 5 -27.07 -14.63 8.17
N GLN C 6 -26.96 -15.57 9.11
CA GLN C 6 -26.67 -16.99 8.84
C GLN C 6 -27.99 -17.82 8.75
N SER C 7 -27.92 -19.14 8.96
CA SER C 7 -29.06 -20.10 9.02
C SER C 7 -29.72 -20.53 7.72
#